data_5M9X
#
_entry.id   5M9X
#
_cell.length_a   83.103
_cell.length_b   83.103
_cell.length_c   157.209
_cell.angle_alpha   90.00
_cell.angle_beta   90.00
_cell.angle_gamma   90.00
#
_symmetry.space_group_name_H-M   'P 43 21 2'
#
loop_
_entity.id
_entity.type
_entity.pdbx_description
1 polymer 'Sucrose phosphorylase'
2 non-polymer '(2~{R},3~{S},4~{S},5~{R},6~{R})-2-(hydroxymethyl)-6-[3-[(~{E})-2-(4-hydroxyphenyl)ethenyl]-5-oxidanyl-phenoxy]oxane-3,4 ,5-triol'
3 water water
#
_entity_poly.entity_id   1
_entity_poly.type   'polypeptide(L)'
_entity_poly.pdbx_seq_one_letter_code
;MKNKVQLITYADRLGDGTIKSMTDILRTRFDGVYDGVHILPFFTPFDGADAGFDPIDHTKVDERLGSWDDVAELSKTHNI
MVDAIVNHMSWESKQFQDVLAKGEESEYYPMFLTMSSVFPNGATEEDLAGIYRPRPGLPFTHYKFAGKTRLVWVSFTPQQ
VDIDTDSDKGWEYLMSIFDQMAASHVSYIRLNAVGYGAKEAGTSCFMTPKTFKLISRLREEGVKRGLEILIEVHSYYKKQ
VEIASKVDRVYDFALPPLLLHALSTGHVEPVAHWTDIRPNNAVTVLDTHDGIGVIDIGSDQLDRSLKGLVPDEDVDNLVN
TIHANTHGESQAATGAAASNLDLYFVNSTYYSALGCNDQHYIAARAVQFFLPGVPQVYYVGALAGKNDMELLRKTNNGRD
INRHYYSTAEIDENLKRPVVKALNALAKFRNELDAFDGTFSYTTDDDTSISFTWRGETSQATLTFEPKRGLGVDNTTPVA
MLEWEDSAGDHRSDDLIANPPVVA
;
_entity_poly.pdbx_strand_id   B
#
loop_
_chem_comp.id
_chem_comp.type
_chem_comp.name
_chem_comp.formula
7KP non-polymer '(2~{R},3~{S},4~{S},5~{R},6~{R})-2-(hydroxymethyl)-6-[3-[(~{E})-2-(4-hydroxyphenyl)ethenyl]-5-oxidanyl-phenoxy]oxane-3,4 ,5-triol' 'C20 H22 O8'
#
# COMPACT_ATOMS: atom_id res chain seq x y z
N MET A 1 -4.13 -11.24 11.52
CA MET A 1 -2.81 -10.57 11.33
C MET A 1 -2.30 -10.08 12.69
N LYS A 2 -1.05 -10.41 13.02
CA LYS A 2 -0.46 -9.93 14.25
C LYS A 2 -0.51 -8.40 14.29
N ASN A 3 -0.77 -7.87 15.49
CA ASN A 3 -0.88 -6.43 15.68
C ASN A 3 0.49 -5.82 15.98
N LYS A 4 1.42 -6.06 15.06
CA LYS A 4 2.79 -5.59 15.19
C LYS A 4 3.19 -4.83 13.93
N VAL A 5 4.19 -3.96 14.07
CA VAL A 5 4.66 -3.16 12.95
C VAL A 5 5.37 -4.05 11.94
N GLN A 6 5.09 -3.83 10.66
CA GLN A 6 5.73 -4.56 9.57
C GLN A 6 6.56 -3.60 8.74
N LEU A 7 7.47 -4.18 7.96
CA LEU A 7 8.28 -3.44 7.00
C LEU A 7 7.83 -3.75 5.59
N ILE A 8 7.79 -2.73 4.74
CA ILE A 8 7.57 -2.89 3.32
C ILE A 8 8.90 -2.58 2.63
N THR A 9 9.40 -3.53 1.84
CA THR A 9 10.70 -3.32 1.21
C THR A 9 10.80 -4.15 -0.06
N TYR A 10 11.66 -3.69 -0.97
CA TYR A 10 12.14 -4.52 -2.05
C TYR A 10 13.29 -5.39 -1.55
N ALA A 11 13.34 -6.64 -2.02
CA ALA A 11 14.42 -7.52 -1.61
C ALA A 11 15.77 -6.98 -2.05
N ASP A 12 15.83 -6.31 -3.20
CA ASP A 12 17.11 -5.90 -3.78
C ASP A 12 17.51 -4.48 -3.44
N ARG A 13 16.63 -3.69 -2.82
CA ARG A 13 16.90 -2.29 -2.51
C ARG A 13 17.16 -2.05 -1.03
N LEU A 14 17.38 -3.12 -0.25
CA LEU A 14 17.67 -3.01 1.18
C LEU A 14 18.78 -3.99 1.50
N GLY A 15 20.02 -3.51 1.52
CA GLY A 15 21.16 -4.36 1.78
C GLY A 15 21.98 -4.61 0.53
N ASP A 16 22.55 -5.82 0.40
CA ASP A 16 23.42 -6.13 -0.72
C ASP A 16 22.66 -6.39 -2.00
N GLY A 17 21.37 -6.69 -1.93
CA GLY A 17 20.55 -6.85 -3.12
C GLY A 17 19.88 -8.20 -3.27
N THR A 18 19.72 -8.94 -2.18
CA THR A 18 19.13 -10.28 -2.23
C THR A 18 18.18 -10.48 -1.06
N ILE A 19 17.34 -11.50 -1.19
CA ILE A 19 16.44 -11.87 -0.10
C ILE A 19 17.24 -12.23 1.14
N LYS A 20 18.36 -12.93 0.96
CA LYS A 20 19.21 -13.27 2.09
C LYS A 20 19.73 -12.00 2.77
N SER A 21 20.18 -11.03 1.97
CA SER A 21 20.70 -9.79 2.54
C SER A 21 19.60 -9.00 3.24
N MET A 22 18.43 -8.87 2.60
CA MET A 22 17.31 -8.21 3.24
C MET A 22 16.98 -8.87 4.57
N THR A 23 16.92 -10.20 4.59
CA THR A 23 16.66 -10.92 5.84
C THR A 23 17.71 -10.58 6.88
N ASP A 24 18.98 -10.57 6.49
CA ASP A 24 20.05 -10.24 7.42
C ASP A 24 19.86 -8.84 7.99
N ILE A 25 19.51 -7.87 7.15
CA ILE A 25 19.27 -6.51 7.61
C ILE A 25 18.14 -6.49 8.62
N LEU A 26 17.02 -7.15 8.29
CA LEU A 26 15.89 -7.21 9.22
C LEU A 26 16.31 -7.75 10.57
N ARG A 27 17.07 -8.86 10.56
CA ARG A 27 17.39 -9.54 11.80
C ARG A 27 18.44 -8.82 12.63
N THR A 28 19.39 -8.15 11.97
CA THR A 28 20.53 -7.54 12.68
C THR A 28 20.30 -6.07 13.03
N ARG A 29 19.47 -5.36 12.27
CA ARG A 29 19.29 -3.93 12.48
C ARG A 29 17.89 -3.53 12.94
N PHE A 30 16.90 -4.42 12.83
CA PHE A 30 15.52 -4.06 13.18
C PHE A 30 14.86 -5.13 14.02
N ASP A 31 15.63 -5.81 14.87
CA ASP A 31 15.05 -6.76 15.79
C ASP A 31 14.10 -6.05 16.75
N GLY A 32 12.88 -6.58 16.88
CA GLY A 32 11.87 -5.97 17.72
C GLY A 32 11.21 -4.74 17.16
N VAL A 33 11.72 -4.20 16.06
CA VAL A 33 11.13 -3.02 15.43
C VAL A 33 10.09 -3.49 14.41
N TYR A 34 10.52 -4.33 13.48
CA TYR A 34 9.67 -4.88 12.43
C TYR A 34 9.66 -6.40 12.59
N ASP A 35 8.60 -6.92 13.21
CA ASP A 35 8.44 -8.35 13.38
C ASP A 35 7.75 -9.01 12.20
N GLY A 36 7.27 -8.22 11.23
CA GLY A 36 6.80 -8.76 9.98
C GLY A 36 7.35 -7.92 8.84
N VAL A 37 7.19 -8.42 7.62
CA VAL A 37 7.74 -7.77 6.44
C VAL A 37 6.88 -8.11 5.23
N HIS A 38 6.56 -7.09 4.45
CA HIS A 38 5.94 -7.25 3.12
C HIS A 38 7.06 -7.16 2.09
N ILE A 39 7.37 -8.29 1.46
CA ILE A 39 8.38 -8.34 0.41
C ILE A 39 7.70 -8.00 -0.91
N LEU A 40 8.09 -6.88 -1.51
CA LEU A 40 7.51 -6.49 -2.78
C LEU A 40 7.87 -7.53 -3.84
N PRO A 41 7.11 -7.57 -4.95
CA PRO A 41 7.25 -8.69 -5.89
C PRO A 41 8.68 -9.04 -6.21
N PHE A 42 9.02 -10.31 -6.00
CA PHE A 42 10.37 -10.82 -6.19
C PHE A 42 10.40 -11.97 -7.19
N PHE A 43 9.44 -11.97 -8.12
CA PHE A 43 9.28 -13.07 -9.06
C PHE A 43 10.05 -12.76 -10.34
N THR A 44 9.89 -13.61 -11.36
CA THR A 44 10.69 -13.52 -12.57
C THR A 44 9.95 -12.68 -13.61
N PRO A 45 10.42 -11.47 -13.96
CA PRO A 45 11.55 -10.72 -13.39
C PRO A 45 11.10 -9.67 -12.40
N PHE A 46 12.01 -9.15 -11.60
CA PHE A 46 11.71 -8.12 -10.61
C PHE A 46 12.00 -6.72 -11.10
N ASP A 47 12.67 -6.57 -12.24
CA ASP A 47 13.21 -5.29 -12.69
C ASP A 47 12.68 -4.94 -14.08
N GLY A 48 11.43 -5.26 -14.34
CA GLY A 48 10.84 -4.94 -15.62
C GLY A 48 10.28 -3.53 -15.66
N ALA A 49 9.19 -3.34 -16.41
CA ALA A 49 8.62 -2.02 -16.58
C ALA A 49 7.92 -1.52 -15.32
N ASP A 50 7.52 -2.41 -14.41
CA ASP A 50 6.69 -2.05 -13.27
C ASP A 50 7.24 -2.66 -11.99
N ALA A 51 8.57 -2.71 -11.87
CA ALA A 51 9.25 -3.04 -10.61
C ALA A 51 8.67 -4.28 -9.95
N GLY A 52 8.56 -5.35 -10.72
CA GLY A 52 8.14 -6.63 -10.19
C GLY A 52 6.66 -6.93 -10.33
N PHE A 53 5.83 -5.91 -10.55
CA PHE A 53 4.39 -6.13 -10.72
C PHE A 53 4.01 -6.51 -12.14
N ASP A 54 4.98 -6.70 -13.03
CA ASP A 54 4.74 -7.27 -14.36
C ASP A 54 5.58 -8.53 -14.51
N PRO A 55 5.31 -9.55 -13.69
CA PRO A 55 6.07 -10.80 -13.79
C PRO A 55 5.71 -11.57 -15.06
N ILE A 56 6.73 -12.15 -15.68
CA ILE A 56 6.48 -13.12 -16.75
C ILE A 56 6.08 -14.46 -16.16
N ASP A 57 6.73 -14.87 -15.07
CA ASP A 57 6.39 -16.11 -14.37
C ASP A 57 6.23 -15.75 -12.88
N HIS A 58 4.98 -15.64 -12.45
CA HIS A 58 4.67 -15.26 -11.08
C HIS A 58 5.12 -16.31 -10.08
N THR A 59 5.37 -17.54 -10.51
CA THR A 59 5.58 -18.66 -9.59
C THR A 59 7.05 -18.93 -9.29
N LYS A 60 7.99 -18.32 -10.02
CA LYS A 60 9.41 -18.57 -9.83
C LYS A 60 10.06 -17.31 -9.26
N VAL A 61 10.72 -17.44 -8.10
CA VAL A 61 11.53 -16.36 -7.59
C VAL A 61 12.62 -16.03 -8.60
N ASP A 62 12.84 -14.75 -8.85
CA ASP A 62 13.96 -14.33 -9.69
C ASP A 62 15.25 -14.86 -9.09
N GLU A 63 15.94 -15.73 -9.82
CA GLU A 63 17.13 -16.38 -9.27
C GLU A 63 18.23 -15.38 -8.91
N ARG A 64 18.12 -14.13 -9.37
CA ARG A 64 19.05 -13.10 -8.93
C ARG A 64 18.79 -12.66 -7.50
N LEU A 65 17.56 -12.83 -7.00
CA LEU A 65 17.20 -12.39 -5.66
C LEU A 65 17.33 -13.49 -4.62
N GLY A 66 17.16 -14.74 -5.02
CA GLY A 66 17.22 -15.85 -4.10
C GLY A 66 16.30 -16.97 -4.57
N SER A 67 15.68 -17.65 -3.60
CA SER A 67 14.81 -18.77 -3.88
C SER A 67 13.67 -18.78 -2.87
N TRP A 68 12.72 -19.69 -3.09
CA TRP A 68 11.63 -19.85 -2.13
C TRP A 68 12.14 -20.36 -0.79
N ASP A 69 13.24 -21.12 -0.79
CA ASP A 69 13.85 -21.54 0.47
C ASP A 69 14.27 -20.34 1.30
N ASP A 70 14.67 -19.23 0.66
CA ASP A 70 15.00 -18.03 1.41
C ASP A 70 13.76 -17.46 2.09
N VAL A 71 12.62 -17.49 1.39
CA VAL A 71 11.37 -17.05 2.00
C VAL A 71 11.03 -17.93 3.19
N ALA A 72 11.17 -19.25 3.02
CA ALA A 72 10.91 -20.17 4.13
C ALA A 72 11.82 -19.88 5.31
N GLU A 73 13.10 -19.60 5.05
CA GLU A 73 14.03 -19.25 6.12
C GLU A 73 13.57 -17.99 6.84
N LEU A 74 13.24 -16.95 6.09
CA LEU A 74 12.78 -15.70 6.70
C LEU A 74 11.54 -15.93 7.55
N SER A 75 10.63 -16.80 7.10
CA SER A 75 9.39 -17.03 7.84
C SER A 75 9.65 -17.54 9.25
N LYS A 76 10.84 -18.07 9.53
CA LYS A 76 11.15 -18.61 10.85
C LYS A 76 11.28 -17.51 11.90
N THR A 77 11.51 -16.26 11.49
CA THR A 77 11.64 -15.15 12.41
C THR A 77 10.68 -13.99 12.14
N HIS A 78 10.07 -13.93 10.96
CA HIS A 78 9.19 -12.81 10.59
C HIS A 78 7.95 -13.35 9.90
N ASN A 79 6.81 -12.73 10.20
CA ASN A 79 5.61 -12.95 9.39
C ASN A 79 5.80 -12.25 8.04
N ILE A 80 5.47 -12.95 6.97
CA ILE A 80 5.74 -12.47 5.61
C ILE A 80 4.43 -12.17 4.90
N MET A 81 4.40 -11.02 4.22
CA MET A 81 3.32 -10.67 3.31
C MET A 81 3.87 -10.65 1.88
N VAL A 82 3.07 -11.14 0.93
CA VAL A 82 3.46 -11.22 -0.46
C VAL A 82 2.27 -10.84 -1.33
N ASP A 83 2.55 -10.39 -2.55
CA ASP A 83 1.52 -10.02 -3.50
C ASP A 83 1.07 -11.24 -4.30
N ALA A 84 -0.23 -11.29 -4.58
CA ALA A 84 -0.80 -12.23 -5.55
C ALA A 84 -1.49 -11.40 -6.62
N ILE A 85 -0.92 -11.40 -7.82
CA ILE A 85 -1.45 -10.62 -8.94
C ILE A 85 -2.53 -11.50 -9.58
N VAL A 86 -3.78 -11.27 -9.17
CA VAL A 86 -4.87 -12.18 -9.50
C VAL A 86 -5.69 -11.74 -10.71
N ASN A 87 -5.49 -10.51 -11.20
CA ASN A 87 -6.34 -10.00 -12.26
C ASN A 87 -5.80 -10.27 -13.66
N HIS A 88 -4.49 -10.43 -13.81
CA HIS A 88 -3.88 -10.46 -15.14
C HIS A 88 -2.53 -11.14 -15.04
N MET A 89 -1.93 -11.38 -16.20
CA MET A 89 -0.59 -11.93 -16.27
C MET A 89 0.07 -11.47 -17.56
N SER A 90 1.37 -11.71 -17.67
CA SER A 90 2.14 -11.23 -18.81
C SER A 90 1.66 -11.90 -20.09
N TRP A 91 1.57 -11.10 -21.16
CA TRP A 91 1.34 -11.65 -22.49
C TRP A 91 2.50 -12.51 -22.96
N GLU A 92 3.67 -12.41 -22.30
CA GLU A 92 4.82 -13.25 -22.60
C GLU A 92 4.81 -14.56 -21.82
N SER A 93 3.80 -14.77 -20.97
CA SER A 93 3.68 -16.05 -20.28
C SER A 93 3.51 -17.16 -21.30
N LYS A 94 3.95 -18.37 -20.91
CA LYS A 94 3.86 -19.51 -21.82
C LYS A 94 2.40 -19.78 -22.19
N GLN A 95 1.48 -19.59 -21.25
CA GLN A 95 0.07 -19.82 -21.53
C GLN A 95 -0.43 -18.94 -22.66
N PHE A 96 -0.27 -17.62 -22.50
CA PHE A 96 -0.79 -16.70 -23.50
C PHE A 96 -0.11 -16.90 -24.85
N GLN A 97 1.20 -17.14 -24.84
CA GLN A 97 1.89 -17.48 -26.09
C GLN A 97 1.26 -18.70 -26.73
N ASP A 98 0.85 -19.68 -25.91
CA ASP A 98 0.16 -20.85 -26.43
C ASP A 98 -1.16 -20.44 -27.08
N VAL A 99 -1.86 -19.47 -26.50
CA VAL A 99 -3.12 -19.02 -27.12
C VAL A 99 -2.85 -18.28 -28.42
N LEU A 100 -1.75 -17.52 -28.50
CA LEU A 100 -1.40 -16.87 -29.75
C LEU A 100 -1.04 -17.90 -30.82
N ALA A 101 -0.45 -19.02 -30.41
CA ALA A 101 -0.02 -20.02 -31.38
C ALA A 101 -1.18 -20.86 -31.89
N LYS A 102 -2.04 -21.34 -30.98
CA LYS A 102 -3.05 -22.33 -31.33
C LYS A 102 -4.48 -21.78 -31.32
N GLY A 103 -4.70 -20.59 -30.80
CA GLY A 103 -6.04 -20.02 -30.79
C GLY A 103 -6.99 -20.84 -29.93
N GLU A 104 -8.16 -21.14 -30.49
CA GLU A 104 -9.18 -21.87 -29.74
C GLU A 104 -8.79 -23.31 -29.49
N GLU A 105 -7.84 -23.85 -30.25
CA GLU A 105 -7.29 -25.16 -29.97
C GLU A 105 -6.35 -25.16 -28.77
N SER A 106 -5.93 -23.99 -28.31
CA SER A 106 -5.05 -23.90 -27.16
C SER A 106 -5.76 -24.40 -25.90
N GLU A 107 -5.02 -25.17 -25.09
CA GLU A 107 -5.54 -25.62 -23.81
C GLU A 107 -5.87 -24.45 -22.88
N TYR A 108 -5.28 -23.28 -23.11
CA TYR A 108 -5.43 -22.14 -22.22
C TYR A 108 -6.35 -21.06 -22.80
N TYR A 109 -7.05 -21.34 -23.89
CA TYR A 109 -7.96 -20.36 -24.48
C TYR A 109 -8.99 -19.87 -23.47
N PRO A 110 -9.67 -20.72 -22.71
CA PRO A 110 -10.69 -20.22 -21.77
C PRO A 110 -10.10 -19.43 -20.62
N MET A 111 -8.79 -19.43 -20.45
CA MET A 111 -8.15 -18.79 -19.29
C MET A 111 -8.09 -17.27 -19.42
N PHE A 112 -8.22 -16.73 -20.62
CA PHE A 112 -8.03 -15.32 -20.88
C PHE A 112 -9.33 -14.67 -21.36
N LEU A 113 -9.56 -13.44 -20.91
CA LEU A 113 -10.78 -12.71 -21.24
C LEU A 113 -10.61 -11.95 -22.55
N THR A 114 -11.60 -12.07 -23.41
CA THR A 114 -11.74 -11.24 -24.60
C THR A 114 -13.02 -10.44 -24.49
N MET A 115 -13.24 -9.52 -25.43
CA MET A 115 -14.51 -8.80 -25.47
C MET A 115 -15.67 -9.76 -25.60
N SER A 116 -15.53 -10.79 -26.45
CA SER A 116 -16.61 -11.76 -26.63
C SER A 116 -16.84 -12.58 -25.37
N SER A 117 -15.81 -12.77 -24.55
CA SER A 117 -15.98 -13.49 -23.29
C SER A 117 -17.05 -12.83 -22.42
N VAL A 118 -17.03 -11.51 -22.35
CA VAL A 118 -17.94 -10.79 -21.47
C VAL A 118 -19.21 -10.36 -22.19
N PHE A 119 -19.11 -10.04 -23.47
CA PHE A 119 -20.24 -9.56 -24.27
C PHE A 119 -20.43 -10.49 -25.46
N PRO A 120 -20.84 -11.74 -25.22
CA PRO A 120 -21.11 -12.63 -26.35
C PRO A 120 -22.20 -12.08 -27.25
N ASN A 121 -23.17 -11.38 -26.68
CA ASN A 121 -24.02 -10.48 -27.42
C ASN A 121 -23.38 -9.09 -27.38
N GLY A 122 -23.65 -8.30 -28.40
CA GLY A 122 -22.93 -7.04 -28.56
C GLY A 122 -22.98 -6.16 -27.33
N ALA A 123 -22.17 -5.09 -27.32
CA ALA A 123 -22.08 -4.17 -26.20
C ALA A 123 -22.50 -2.77 -26.66
N THR A 124 -23.19 -2.05 -25.78
CA THR A 124 -23.59 -0.69 -26.05
C THR A 124 -22.47 0.29 -25.69
N GLU A 125 -22.59 1.51 -26.22
CA GLU A 125 -21.68 2.57 -25.79
C GLU A 125 -21.75 2.76 -24.28
N GLU A 126 -22.92 2.57 -23.67
CA GLU A 126 -23.04 2.68 -22.23
C GLU A 126 -22.37 1.51 -21.52
N ASP A 127 -22.45 0.31 -22.10
CA ASP A 127 -21.81 -0.86 -21.50
C ASP A 127 -20.31 -0.64 -21.39
N LEU A 128 -19.68 -0.15 -22.44
CA LEU A 128 -18.23 0.02 -22.45
C LEU A 128 -17.80 1.32 -21.77
N ALA A 129 -18.60 2.37 -21.88
CA ALA A 129 -18.25 3.64 -21.25
C ALA A 129 -18.33 3.56 -19.74
N GLY A 130 -19.14 2.64 -19.21
CA GLY A 130 -19.34 2.54 -17.78
C GLY A 130 -18.27 1.76 -17.03
N ILE A 131 -17.33 1.15 -17.74
CA ILE A 131 -16.28 0.38 -17.10
C ILE A 131 -15.35 1.32 -16.35
N TYR A 132 -15.16 1.06 -15.06
CA TYR A 132 -14.21 1.83 -14.26
C TYR A 132 -12.80 1.60 -14.76
N ARG A 133 -12.03 2.68 -14.89
CA ARG A 133 -10.74 2.63 -15.55
C ARG A 133 -9.65 3.23 -14.68
N PRO A 134 -8.55 2.51 -14.42
CA PRO A 134 -7.37 3.14 -13.83
C PRO A 134 -6.51 3.87 -14.86
N ARG A 135 -6.66 3.52 -16.14
CA ARG A 135 -5.88 4.09 -17.22
C ARG A 135 -6.80 4.59 -18.32
N PRO A 136 -6.36 5.57 -19.10
CA PRO A 136 -7.24 6.10 -20.16
C PRO A 136 -7.44 5.10 -21.28
N GLY A 137 -8.54 5.27 -21.99
CA GLY A 137 -8.89 4.38 -23.08
C GLY A 137 -9.75 3.21 -22.65
N LEU A 138 -10.20 2.45 -23.66
CA LEU A 138 -10.94 1.23 -23.38
C LEU A 138 -9.97 0.10 -23.04
N PRO A 139 -10.42 -0.91 -22.20
CA PRO A 139 -9.51 -1.98 -21.74
C PRO A 139 -9.39 -3.12 -22.75
N PHE A 140 -8.96 -2.80 -23.96
CA PHE A 140 -8.80 -3.78 -25.01
C PHE A 140 -7.56 -3.49 -25.83
N THR A 141 -6.92 -4.56 -26.31
CA THR A 141 -5.83 -4.41 -27.28
C THR A 141 -5.90 -5.56 -28.29
N HIS A 142 -5.20 -5.39 -29.40
CA HIS A 142 -5.23 -6.36 -30.49
C HIS A 142 -4.17 -7.43 -30.28
N TYR A 143 -4.60 -8.69 -30.33
CA TYR A 143 -3.69 -9.83 -30.38
C TYR A 143 -4.26 -10.84 -31.37
N LYS A 144 -3.37 -11.59 -32.02
CA LYS A 144 -3.78 -12.51 -33.07
C LYS A 144 -3.77 -13.94 -32.54
N PHE A 145 -4.96 -14.55 -32.53
CA PHE A 145 -5.15 -15.94 -32.10
C PHE A 145 -5.02 -16.83 -33.33
N ALA A 146 -3.79 -17.25 -33.60
CA ALA A 146 -3.37 -18.25 -34.58
C ALA A 146 -3.57 -17.81 -36.02
N GLY A 147 -4.58 -16.97 -36.29
CA GLY A 147 -4.57 -16.05 -37.39
C GLY A 147 -5.55 -14.92 -37.22
N LYS A 148 -6.35 -14.98 -36.15
CA LYS A 148 -7.60 -14.22 -36.07
C LYS A 148 -7.41 -13.06 -35.11
N THR A 149 -7.63 -11.85 -35.61
CA THR A 149 -7.49 -10.67 -34.78
C THR A 149 -8.55 -10.67 -33.69
N ARG A 150 -8.11 -10.58 -32.44
CA ARG A 150 -8.97 -10.64 -31.26
C ARG A 150 -8.68 -9.45 -30.36
N LEU A 151 -9.71 -8.98 -29.68
CA LEU A 151 -9.61 -7.89 -28.72
C LEU A 151 -9.52 -8.49 -27.33
N VAL A 152 -8.31 -8.46 -26.76
CA VAL A 152 -8.04 -9.01 -25.44
C VAL A 152 -8.28 -7.93 -24.40
N TRP A 153 -8.90 -8.33 -23.28
CA TRP A 153 -9.22 -7.43 -22.18
C TRP A 153 -7.95 -7.12 -21.40
N VAL A 154 -7.65 -5.83 -21.25
CA VAL A 154 -6.44 -5.38 -20.53
C VAL A 154 -6.83 -4.19 -19.65
N SER A 155 -6.87 -4.41 -18.34
CA SER A 155 -7.22 -3.34 -17.41
C SER A 155 -6.10 -2.32 -17.29
N PHE A 156 -4.86 -2.77 -17.45
CA PHE A 156 -3.64 -1.97 -17.33
C PHE A 156 -2.90 -2.15 -18.65
N THR A 157 -1.59 -1.92 -18.67
CA THR A 157 -0.81 -1.98 -19.91
C THR A 157 -1.29 -3.09 -20.84
N PRO A 158 -1.19 -2.91 -22.16
CA PRO A 158 -1.57 -4.00 -23.08
C PRO A 158 -0.73 -5.25 -22.90
N GLN A 159 0.41 -5.18 -22.21
CA GLN A 159 1.25 -6.34 -21.98
C GLN A 159 0.74 -7.21 -20.83
N GLN A 160 -0.26 -6.75 -20.09
CA GLN A 160 -0.85 -7.48 -18.99
C GLN A 160 -2.26 -7.90 -19.40
N VAL A 161 -2.40 -9.13 -19.86
CA VAL A 161 -3.67 -9.64 -20.35
C VAL A 161 -4.47 -10.17 -19.16
N ASP A 162 -5.76 -9.84 -19.12
CA ASP A 162 -6.61 -10.20 -18.00
C ASP A 162 -7.11 -11.63 -18.13
N ILE A 163 -7.16 -12.32 -17.01
CA ILE A 163 -7.56 -13.73 -16.98
C ILE A 163 -9.01 -13.82 -16.55
N ASP A 164 -9.65 -14.92 -16.96
CA ASP A 164 -11.01 -15.23 -16.51
C ASP A 164 -10.90 -15.92 -15.15
N THR A 165 -11.10 -15.15 -14.08
CA THR A 165 -11.01 -15.70 -12.73
C THR A 165 -12.09 -16.71 -12.44
N ASP A 166 -13.05 -16.90 -13.35
CA ASP A 166 -14.12 -17.87 -13.18
C ASP A 166 -13.88 -19.15 -13.98
N SER A 167 -12.81 -19.22 -14.75
CA SER A 167 -12.49 -20.39 -15.54
C SER A 167 -11.72 -21.41 -14.72
N ASP A 168 -11.80 -22.67 -15.13
CA ASP A 168 -11.08 -23.73 -14.44
C ASP A 168 -9.56 -23.51 -14.55
N LYS A 169 -9.08 -23.16 -15.74
CA LYS A 169 -7.65 -22.94 -15.91
C LYS A 169 -7.16 -21.74 -15.13
N GLY A 170 -7.88 -20.61 -15.21
CA GLY A 170 -7.48 -19.44 -14.45
C GLY A 170 -7.43 -19.72 -12.95
N TRP A 171 -8.48 -20.33 -12.43
CA TRP A 171 -8.51 -20.68 -11.01
C TRP A 171 -7.36 -21.62 -10.65
N GLU A 172 -7.08 -22.59 -11.52
CA GLU A 172 -5.95 -23.48 -11.31
C GLU A 172 -4.65 -22.68 -11.17
N TYR A 173 -4.45 -21.70 -12.05
CA TYR A 173 -3.27 -20.84 -11.97
C TYR A 173 -3.19 -20.14 -10.61
N LEU A 174 -4.27 -19.43 -10.23
CA LEU A 174 -4.28 -18.74 -8.94
C LEU A 174 -3.93 -19.70 -7.80
N MET A 175 -4.47 -20.92 -7.84
CA MET A 175 -4.22 -21.87 -6.77
C MET A 175 -2.80 -22.44 -6.82
N SER A 176 -2.16 -22.44 -7.98
CA SER A 176 -0.73 -22.76 -8.00
C SER A 176 0.04 -21.71 -7.22
N ILE A 177 -0.25 -20.43 -7.47
CA ILE A 177 0.37 -19.37 -6.69
C ILE A 177 0.13 -19.59 -5.20
N PHE A 178 -1.13 -19.79 -4.81
CA PHE A 178 -1.45 -20.01 -3.40
C PHE A 178 -0.69 -21.20 -2.84
N ASP A 179 -0.50 -22.25 -3.64
CA ASP A 179 0.18 -23.45 -3.14
C ASP A 179 1.65 -23.16 -2.89
N GLN A 180 2.29 -22.35 -3.74
CA GLN A 180 3.68 -21.99 -3.48
C GLN A 180 3.79 -21.13 -2.23
N MET A 181 2.98 -20.07 -2.13
CA MET A 181 3.00 -19.24 -0.93
C MET A 181 2.82 -20.10 0.32
N ALA A 182 1.84 -21.01 0.28
CA ALA A 182 1.59 -21.88 1.40
C ALA A 182 2.76 -22.81 1.68
N ALA A 183 3.50 -23.18 0.63
CA ALA A 183 4.64 -24.08 0.80
C ALA A 183 5.87 -23.37 1.35
N SER A 184 5.94 -22.04 1.25
CA SER A 184 7.09 -21.29 1.76
C SER A 184 6.77 -20.53 3.05
N HIS A 185 5.66 -20.87 3.70
CA HIS A 185 5.34 -20.34 5.04
C HIS A 185 5.05 -18.85 5.02
N VAL A 186 4.44 -18.36 3.94
CA VAL A 186 3.94 -16.99 3.91
C VAL A 186 2.65 -16.92 4.71
N SER A 187 2.46 -15.80 5.41
CA SER A 187 1.29 -15.60 6.26
C SER A 187 0.18 -14.81 5.58
N TYR A 188 0.52 -13.73 4.87
CA TYR A 188 -0.47 -12.79 4.36
C TYR A 188 -0.30 -12.60 2.86
N ILE A 189 -1.42 -12.44 2.16
CA ILE A 189 -1.44 -12.23 0.72
C ILE A 189 -2.12 -10.91 0.42
N ARG A 190 -1.47 -10.08 -0.40
CA ARG A 190 -2.03 -8.81 -0.86
C ARG A 190 -2.53 -9.03 -2.28
N LEU A 191 -3.85 -9.04 -2.46
CA LEU A 191 -4.45 -9.33 -3.75
C LEU A 191 -4.40 -8.08 -4.61
N ASN A 192 -3.43 -8.04 -5.53
CA ASN A 192 -3.23 -6.88 -6.37
C ASN A 192 -4.27 -6.81 -7.48
N ALA A 193 -4.92 -5.66 -7.61
CA ALA A 193 -5.89 -5.41 -8.68
C ALA A 193 -7.07 -6.38 -8.62
N VAL A 194 -7.41 -6.86 -7.42
CA VAL A 194 -8.48 -7.85 -7.30
C VAL A 194 -9.83 -7.20 -7.61
N GLY A 195 -9.97 -5.89 -7.38
CA GLY A 195 -11.24 -5.23 -7.65
C GLY A 195 -11.67 -5.31 -9.09
N TYR A 196 -10.72 -5.48 -10.01
CA TYR A 196 -11.01 -5.59 -11.43
C TYR A 196 -11.19 -7.03 -11.88
N GLY A 197 -10.98 -8.01 -10.99
CA GLY A 197 -10.88 -9.41 -11.37
C GLY A 197 -12.18 -10.05 -11.81
N ALA A 198 -13.32 -9.40 -11.60
CA ALA A 198 -14.61 -9.92 -12.02
C ALA A 198 -15.20 -9.00 -13.07
N LYS A 199 -15.56 -9.58 -14.21
CA LYS A 199 -16.17 -8.84 -15.31
C LYS A 199 -17.60 -9.31 -15.51
N GLU A 200 -18.51 -8.36 -15.76
CA GLU A 200 -19.91 -8.70 -16.00
C GLU A 200 -20.55 -7.56 -16.76
N ALA A 201 -21.21 -7.89 -17.86
CA ALA A 201 -21.76 -6.87 -18.74
C ALA A 201 -22.79 -6.00 -18.02
N GLY A 202 -22.79 -4.71 -18.35
CA GLY A 202 -23.71 -3.76 -17.76
C GLY A 202 -23.27 -3.19 -16.44
N THR A 203 -22.15 -3.65 -15.89
CA THR A 203 -21.63 -3.16 -14.63
C THR A 203 -20.33 -2.41 -14.86
N SER A 204 -19.82 -1.79 -13.79
CA SER A 204 -18.52 -1.12 -13.86
C SER A 204 -17.37 -2.11 -13.93
N CYS A 205 -17.63 -3.40 -13.74
CA CYS A 205 -16.59 -4.42 -13.73
C CYS A 205 -15.53 -4.12 -12.67
N PHE A 206 -15.91 -3.37 -11.64
CA PHE A 206 -15.01 -3.02 -10.55
C PHE A 206 -15.78 -3.10 -9.24
N MET A 207 -15.36 -4.01 -8.36
CA MET A 207 -15.98 -4.18 -7.05
C MET A 207 -17.50 -4.32 -7.16
N THR A 208 -17.92 -5.18 -8.07
CA THR A 208 -19.32 -5.55 -8.21
C THR A 208 -19.62 -6.76 -7.33
N PRO A 209 -20.89 -7.18 -7.25
CA PRO A 209 -21.19 -8.41 -6.49
C PRO A 209 -20.33 -9.59 -6.91
N LYS A 210 -20.11 -9.76 -8.22
CA LYS A 210 -19.26 -10.85 -8.68
C LYS A 210 -17.85 -10.74 -8.12
N THR A 211 -17.33 -9.51 -8.06
CA THR A 211 -15.98 -9.31 -7.52
C THR A 211 -15.90 -9.74 -6.06
N PHE A 212 -16.90 -9.36 -5.25
CA PHE A 212 -16.91 -9.77 -3.85
C PHE A 212 -17.02 -11.28 -3.73
N LYS A 213 -17.83 -11.91 -4.58
CA LYS A 213 -17.91 -13.36 -4.62
C LYS A 213 -16.53 -13.97 -4.86
N LEU A 214 -15.81 -13.46 -5.87
CA LEU A 214 -14.46 -13.92 -6.13
C LEU A 214 -13.58 -13.78 -4.89
N ILE A 215 -13.60 -12.60 -4.27
CA ILE A 215 -12.76 -12.36 -3.10
C ILE A 215 -13.03 -13.39 -2.02
N SER A 216 -14.32 -13.65 -1.73
CA SER A 216 -14.65 -14.61 -0.68
C SER A 216 -14.14 -16.00 -1.04
N ARG A 217 -14.30 -16.41 -2.28
CA ARG A 217 -13.75 -17.69 -2.71
C ARG A 217 -12.25 -17.77 -2.41
N LEU A 218 -11.49 -16.77 -2.87
CA LEU A 218 -10.07 -16.73 -2.58
C LEU A 218 -9.79 -16.79 -1.09
N ARG A 219 -10.64 -16.14 -0.28
CA ARG A 219 -10.46 -16.18 1.16
C ARG A 219 -10.54 -17.61 1.67
N GLU A 220 -11.60 -18.33 1.30
CA GLU A 220 -11.75 -19.69 1.78
C GLU A 220 -10.56 -20.55 1.40
N GLU A 221 -10.11 -20.44 0.15
CA GLU A 221 -8.92 -21.20 -0.26
C GLU A 221 -7.71 -20.82 0.61
N GLY A 222 -7.54 -19.53 0.86
CA GLY A 222 -6.42 -19.09 1.68
C GLY A 222 -6.42 -19.69 3.06
N VAL A 223 -7.55 -19.58 3.76
CA VAL A 223 -7.62 -20.14 5.12
C VAL A 223 -7.41 -21.65 5.08
N LYS A 224 -7.93 -22.30 4.04
CA LYS A 224 -7.66 -23.72 3.87
C LYS A 224 -6.17 -23.99 3.74
N ARG A 225 -5.41 -23.01 3.24
CA ARG A 225 -3.95 -23.11 3.19
C ARG A 225 -3.26 -22.29 4.27
N GLY A 226 -4.02 -21.64 5.15
CA GLY A 226 -3.42 -20.83 6.19
C GLY A 226 -2.99 -19.45 5.75
N LEU A 227 -3.52 -18.96 4.64
CA LEU A 227 -3.16 -17.66 4.08
C LEU A 227 -4.30 -16.68 4.31
N GLU A 228 -3.98 -15.55 4.95
CA GLU A 228 -4.94 -14.46 5.09
C GLU A 228 -4.80 -13.49 3.93
N ILE A 229 -5.92 -12.93 3.49
CA ILE A 229 -5.99 -12.11 2.30
C ILE A 229 -6.20 -10.65 2.70
N LEU A 230 -5.44 -9.76 2.05
CA LEU A 230 -5.59 -8.32 2.20
C LEU A 230 -6.03 -7.73 0.87
N ILE A 231 -6.98 -6.79 0.94
CA ILE A 231 -7.53 -6.15 -0.24
C ILE A 231 -6.89 -4.79 -0.41
N GLU A 232 -6.53 -4.45 -1.64
N GLU A 232 -6.47 -4.47 -1.63
CA GLU A 232 -5.93 -3.18 -1.99
CA GLU A 232 -5.92 -3.15 -1.96
C GLU A 232 -6.81 -2.49 -3.02
C GLU A 232 -6.83 -2.50 -3.00
N VAL A 233 -7.29 -1.29 -2.69
CA VAL A 233 -8.14 -0.52 -3.59
C VAL A 233 -7.96 0.96 -3.28
N HIS A 234 -7.69 1.74 -4.32
CA HIS A 234 -7.69 3.20 -4.24
C HIS A 234 -9.00 3.70 -4.84
N SER A 235 -9.82 4.34 -4.03
CA SER A 235 -11.14 4.75 -4.49
C SER A 235 -11.67 5.88 -3.61
N TYR A 236 -12.78 6.45 -4.06
CA TYR A 236 -13.54 7.37 -3.24
C TYR A 236 -13.78 6.76 -1.86
N TYR A 237 -13.61 7.59 -0.82
CA TYR A 237 -13.49 7.04 0.53
C TYR A 237 -14.74 6.28 0.95
N LYS A 238 -15.92 6.79 0.59
CA LYS A 238 -17.16 6.10 0.96
C LYS A 238 -17.18 4.68 0.41
N LYS A 239 -16.73 4.50 -0.84
CA LYS A 239 -16.57 3.15 -1.39
C LYS A 239 -15.58 2.34 -0.57
N GLN A 240 -14.59 2.99 0.03
CA GLN A 240 -13.61 2.28 0.83
C GLN A 240 -14.26 1.74 2.10
N VAL A 241 -15.10 2.54 2.76
CA VAL A 241 -15.86 2.03 3.90
C VAL A 241 -16.73 0.86 3.47
N GLU A 242 -17.50 1.05 2.39
CA GLU A 242 -18.39 0.00 1.91
C GLU A 242 -17.65 -1.30 1.69
N ILE A 243 -16.56 -1.26 0.92
CA ILE A 243 -15.78 -2.46 0.64
C ILE A 243 -15.24 -3.04 1.94
N ALA A 244 -14.77 -2.17 2.84
CA ALA A 244 -14.13 -2.64 4.05
C ALA A 244 -15.10 -3.47 4.91
N SER A 245 -16.39 -3.13 4.91
CA SER A 245 -17.31 -3.94 5.68
C SER A 245 -17.56 -5.32 5.08
N LYS A 246 -17.05 -5.60 3.88
CA LYS A 246 -17.31 -6.85 3.19
C LYS A 246 -16.10 -7.76 3.07
N VAL A 247 -14.93 -7.33 3.54
CA VAL A 247 -13.70 -8.11 3.40
C VAL A 247 -12.96 -8.11 4.73
N ASP A 248 -11.93 -8.96 4.79
CA ASP A 248 -11.17 -9.11 6.04
C ASP A 248 -10.36 -7.86 6.34
N ARG A 249 -9.56 -7.38 5.37
CA ARG A 249 -8.75 -6.21 5.59
C ARG A 249 -8.63 -5.38 4.33
N VAL A 250 -8.64 -4.06 4.51
CA VAL A 250 -8.32 -3.10 3.46
C VAL A 250 -7.14 -2.26 3.96
N TYR A 251 -6.59 -1.48 3.04
CA TYR A 251 -5.62 -0.45 3.42
C TYR A 251 -6.36 0.79 3.90
N ASP A 252 -5.69 1.56 4.76
CA ASP A 252 -6.16 2.91 5.13
C ASP A 252 -5.35 3.89 4.31
N PHE A 253 -5.86 4.23 3.13
CA PHE A 253 -5.17 5.13 2.21
C PHE A 253 -5.50 6.60 2.46
N ALA A 254 -6.54 6.91 3.25
CA ALA A 254 -6.91 8.29 3.52
C ALA A 254 -5.97 8.94 4.53
N LEU A 255 -5.44 8.15 5.47
CA LEU A 255 -4.67 8.70 6.57
C LEU A 255 -3.45 9.49 6.13
N PRO A 256 -2.64 9.03 5.17
CA PRO A 256 -1.42 9.78 4.81
C PRO A 256 -1.74 11.21 4.42
N PRO A 257 -2.59 11.42 3.41
CA PRO A 257 -2.91 12.81 3.04
C PRO A 257 -3.67 13.55 4.13
N LEU A 258 -4.52 12.87 4.89
CA LEU A 258 -5.17 13.54 6.01
C LEU A 258 -4.15 14.11 6.99
N LEU A 259 -3.07 13.37 7.24
CA LEU A 259 -2.05 13.84 8.16
C LEU A 259 -1.22 14.95 7.56
N LEU A 260 -0.96 14.89 6.25
CA LEU A 260 -0.33 16.03 5.59
C LEU A 260 -1.17 17.30 5.78
N HIS A 261 -2.48 17.19 5.54
CA HIS A 261 -3.37 18.34 5.74
C HIS A 261 -3.31 18.84 7.17
N ALA A 262 -3.43 17.92 8.14
CA ALA A 262 -3.44 18.32 9.55
C ALA A 262 -2.15 19.03 9.93
N LEU A 263 -1.01 18.46 9.54
CA LEU A 263 0.28 19.03 9.92
C LEU A 263 0.57 20.34 9.17
N SER A 264 -0.07 20.58 8.04
CA SER A 264 0.15 21.83 7.31
C SER A 264 -0.82 22.93 7.70
N THR A 265 -2.01 22.58 8.19
CA THR A 265 -3.04 23.57 8.50
C THR A 265 -3.43 23.63 9.96
N GLY A 266 -3.19 22.58 10.75
CA GLY A 266 -3.64 22.53 12.12
C GLY A 266 -5.06 22.07 12.31
N HIS A 267 -5.82 21.88 11.23
CA HIS A 267 -7.18 21.38 11.35
C HIS A 267 -7.16 19.89 11.66
N VAL A 268 -7.86 19.49 12.71
CA VAL A 268 -7.98 18.09 13.09
C VAL A 268 -9.37 17.52 12.89
N GLU A 269 -10.36 18.36 12.55
CA GLU A 269 -11.71 17.86 12.36
C GLU A 269 -11.79 16.75 11.31
N PRO A 270 -11.10 16.84 10.16
CA PRO A 270 -11.15 15.72 9.22
C PRO A 270 -10.58 14.43 9.81
N VAL A 271 -9.51 14.52 10.60
CA VAL A 271 -8.93 13.33 11.21
C VAL A 271 -9.89 12.73 12.22
N ALA A 272 -10.58 13.58 12.99
CA ALA A 272 -11.56 13.07 13.95
C ALA A 272 -12.73 12.39 13.23
N HIS A 273 -13.23 13.02 12.17
CA HIS A 273 -14.29 12.43 11.36
C HIS A 273 -13.88 11.06 10.83
N TRP A 274 -12.73 11.02 10.14
CA TRP A 274 -12.24 9.75 9.60
C TRP A 274 -12.08 8.71 10.70
N THR A 275 -11.54 9.11 11.85
CA THR A 275 -11.43 8.19 12.98
C THR A 275 -12.80 7.62 13.33
N ASP A 276 -13.82 8.48 13.36
CA ASP A 276 -15.15 8.02 13.75
C ASP A 276 -15.70 7.01 12.75
N ILE A 277 -15.47 7.22 11.46
CA ILE A 277 -16.14 6.42 10.44
C ILE A 277 -15.23 5.40 9.77
N ARG A 278 -13.92 5.54 9.85
CA ARG A 278 -13.03 4.69 9.07
C ARG A 278 -13.28 3.21 9.36
N PRO A 279 -12.98 2.32 8.41
CA PRO A 279 -12.93 0.90 8.73
C PRO A 279 -11.71 0.59 9.58
N ASN A 280 -11.91 -0.17 10.64
CA ASN A 280 -10.83 -0.48 11.58
C ASN A 280 -10.10 -1.77 11.25
N ASN A 281 -10.65 -2.62 10.39
CA ASN A 281 -9.95 -3.79 9.89
C ASN A 281 -8.97 -3.36 8.79
N ALA A 282 -8.01 -2.53 9.20
CA ALA A 282 -7.15 -1.82 8.28
C ALA A 282 -5.70 -2.25 8.43
N VAL A 283 -4.95 -2.02 7.36
CA VAL A 283 -3.49 -1.90 7.42
C VAL A 283 -3.17 -0.42 7.24
N THR A 284 -2.52 0.17 8.23
CA THR A 284 -2.22 1.59 8.24
C THR A 284 -0.82 1.84 7.69
N VAL A 285 -0.69 2.91 6.92
CA VAL A 285 0.56 3.29 6.27
C VAL A 285 0.63 4.81 6.22
N LEU A 286 1.82 5.32 5.92
CA LEU A 286 2.00 6.68 5.45
C LEU A 286 2.52 6.69 4.02
N ASP A 287 3.64 6.01 3.77
CA ASP A 287 4.20 5.86 2.44
C ASP A 287 4.06 4.41 1.98
N THR A 288 3.97 4.24 0.67
CA THR A 288 3.99 2.91 0.07
C THR A 288 5.08 2.89 -1.00
N HIS A 289 5.13 1.81 -1.77
CA HIS A 289 6.02 1.74 -2.92
C HIS A 289 5.52 2.57 -4.10
N ASP A 290 4.28 3.05 -4.04
CA ASP A 290 3.72 3.95 -5.04
C ASP A 290 3.76 5.38 -4.51
N GLY A 291 3.15 6.29 -5.26
CA GLY A 291 3.07 7.67 -4.83
C GLY A 291 2.01 7.90 -3.77
N ILE A 292 1.98 9.12 -3.26
CA ILE A 292 1.04 9.50 -2.21
C ILE A 292 -0.34 9.68 -2.83
N GLY A 293 -1.30 8.87 -2.38
CA GLY A 293 -2.64 8.91 -2.95
C GLY A 293 -3.43 10.11 -2.45
N VAL A 294 -3.92 10.90 -3.39
CA VAL A 294 -4.80 12.02 -3.07
C VAL A 294 -6.25 11.73 -3.46
N ILE A 295 -6.49 10.82 -4.39
CA ILE A 295 -7.83 10.41 -4.76
C ILE A 295 -8.58 9.78 -3.60
N ASP A 296 -7.87 9.35 -2.55
CA ASP A 296 -8.51 8.64 -1.45
C ASP A 296 -9.21 9.57 -0.47
N ILE A 297 -8.98 10.88 -0.55
CA ILE A 297 -9.80 11.83 0.18
C ILE A 297 -10.59 12.75 -0.75
N GLY A 298 -10.20 12.85 -2.02
CA GLY A 298 -11.07 12.41 -3.10
C GLY A 298 -12.51 12.79 -3.38
N SER A 299 -12.80 13.95 -3.95
CA SER A 299 -14.04 14.04 -4.72
C SER A 299 -14.12 12.84 -5.65
N ASP A 300 -15.28 12.19 -5.70
CA ASP A 300 -15.47 11.06 -6.59
C ASP A 300 -15.18 11.50 -8.03
N GLN A 301 -14.29 10.77 -8.70
CA GLN A 301 -13.84 11.17 -10.03
C GLN A 301 -14.86 10.86 -11.12
N LEU A 302 -15.87 10.04 -10.83
CA LEU A 302 -16.96 9.80 -11.78
C LEU A 302 -18.14 10.71 -11.54
N ASP A 303 -18.24 11.30 -10.34
CA ASP A 303 -19.32 12.21 -10.00
C ASP A 303 -18.75 13.23 -9.01
N ARG A 304 -18.33 14.39 -9.52
CA ARG A 304 -17.61 15.36 -8.72
C ARG A 304 -18.48 16.02 -7.65
N SER A 305 -19.78 15.72 -7.60
CA SER A 305 -20.65 16.31 -6.59
C SER A 305 -20.51 15.61 -5.24
N LEU A 306 -20.03 14.38 -5.20
CA LEU A 306 -19.77 13.70 -3.93
C LEU A 306 -18.41 14.19 -3.44
N LYS A 307 -18.44 15.11 -2.47
CA LYS A 307 -17.21 15.71 -1.99
C LYS A 307 -16.50 14.78 -1.03
N GLY A 308 -15.21 15.01 -0.87
CA GLY A 308 -14.35 14.18 -0.04
C GLY A 308 -14.37 14.58 1.41
N LEU A 309 -13.33 14.14 2.13
CA LEU A 309 -13.18 14.47 3.54
C LEU A 309 -12.74 15.91 3.76
N VAL A 310 -12.21 16.56 2.73
CA VAL A 310 -11.93 17.99 2.76
C VAL A 310 -12.42 18.60 1.45
N PRO A 311 -12.69 19.90 1.44
CA PRO A 311 -13.07 20.56 0.17
C PRO A 311 -12.00 20.38 -0.89
N ASP A 312 -12.44 20.47 -2.15
CA ASP A 312 -11.51 20.32 -3.27
C ASP A 312 -10.36 21.32 -3.18
N GLU A 313 -10.64 22.53 -2.70
CA GLU A 313 -9.59 23.53 -2.58
C GLU A 313 -8.52 23.11 -1.60
N ASP A 314 -8.88 22.36 -0.55
CA ASP A 314 -7.88 21.83 0.36
C ASP A 314 -7.09 20.70 -0.28
N VAL A 315 -7.68 19.98 -1.24
CA VAL A 315 -6.95 18.96 -1.98
C VAL A 315 -5.89 19.62 -2.86
N ASP A 316 -6.33 20.55 -3.72
CA ASP A 316 -5.40 21.33 -4.53
C ASP A 316 -4.31 21.94 -3.67
N ASN A 317 -4.69 22.51 -2.52
CA ASN A 317 -3.70 23.10 -1.62
C ASN A 317 -2.75 22.06 -1.06
N LEU A 318 -3.23 20.83 -0.85
CA LEU A 318 -2.34 19.77 -0.37
C LEU A 318 -1.29 19.45 -1.42
N VAL A 319 -1.73 19.20 -2.66
CA VAL A 319 -0.77 18.91 -3.73
C VAL A 319 0.25 20.03 -3.85
N ASN A 320 -0.23 21.28 -3.93
CA ASN A 320 0.69 22.41 -4.02
C ASN A 320 1.59 22.49 -2.80
N THR A 321 1.12 22.02 -1.64
CA THR A 321 1.93 22.07 -0.43
C THR A 321 3.07 21.05 -0.51
N ILE A 322 2.81 19.87 -1.06
CA ILE A 322 3.89 18.93 -1.33
C ILE A 322 4.87 19.56 -2.31
N HIS A 323 4.35 20.20 -3.36
CA HIS A 323 5.22 20.83 -4.34
C HIS A 323 6.13 21.86 -3.69
N ALA A 324 5.57 22.69 -2.79
CA ALA A 324 6.35 23.75 -2.17
C ALA A 324 7.35 23.19 -1.16
N ASN A 325 6.89 22.27 -0.30
CA ASN A 325 7.77 21.71 0.72
C ASN A 325 8.97 20.98 0.10
N THR A 326 8.80 20.42 -1.10
CA THR A 326 9.88 19.77 -1.81
C THR A 326 10.57 20.71 -2.80
N HIS A 327 10.23 22.00 -2.77
CA HIS A 327 10.83 22.99 -3.66
C HIS A 327 10.87 22.52 -5.11
N GLY A 328 9.76 21.90 -5.55
CA GLY A 328 9.61 21.51 -6.93
C GLY A 328 10.07 20.11 -7.27
N GLU A 329 10.70 19.40 -6.33
CA GLU A 329 11.18 18.05 -6.62
C GLU A 329 10.05 17.15 -7.08
N SER A 330 8.90 17.22 -6.39
CA SER A 330 7.77 16.37 -6.76
C SER A 330 7.17 16.80 -8.10
N GLN A 331 7.26 18.08 -8.45
CA GLN A 331 6.79 18.51 -9.77
C GLN A 331 7.56 17.80 -10.87
N ALA A 332 8.87 17.62 -10.68
CA ALA A 332 9.68 16.95 -11.69
C ALA A 332 9.33 15.48 -11.82
N ALA A 333 8.83 14.86 -10.75
CA ALA A 333 8.50 13.44 -10.75
C ALA A 333 7.02 13.16 -11.01
N THR A 334 6.15 14.12 -10.76
CA THR A 334 4.73 13.97 -11.01
C THR A 334 4.38 14.49 -12.39
N GLY A 335 3.59 13.71 -13.14
CA GLY A 335 3.10 14.18 -14.43
C GLY A 335 2.04 15.24 -14.23
N ALA A 336 2.19 16.35 -14.94
CA ALA A 336 1.23 17.44 -14.83
C ALA A 336 -0.11 17.04 -15.43
N ALA A 337 -1.19 17.54 -14.82
CA ALA A 337 -2.54 17.13 -15.20
C ALA A 337 -3.50 18.30 -15.37
N ALA A 338 -2.99 19.54 -15.39
CA ALA A 338 -3.78 20.72 -15.74
C ALA A 338 -4.76 21.12 -14.64
N SER A 339 -4.93 20.28 -13.63
CA SER A 339 -5.76 20.58 -12.48
C SER A 339 -5.50 19.53 -11.41
N ASN A 340 -5.28 19.96 -10.18
CA ASN A 340 -4.86 19.02 -9.14
C ASN A 340 -5.95 18.04 -8.75
N LEU A 341 -7.21 18.34 -9.08
CA LEU A 341 -8.27 17.37 -8.80
C LEU A 341 -8.18 16.15 -9.70
N ASP A 342 -7.59 16.31 -10.89
CA ASP A 342 -7.41 15.18 -11.79
C ASP A 342 -6.30 14.25 -11.35
N LEU A 343 -5.49 14.65 -10.37
CA LEU A 343 -4.34 13.85 -9.98
C LEU A 343 -4.77 12.60 -9.22
N TYR A 344 -3.97 11.54 -9.37
CA TYR A 344 -4.18 10.27 -8.69
C TYR A 344 -3.22 10.10 -7.52
N PHE A 345 -1.94 10.36 -7.76
CA PHE A 345 -0.92 10.26 -6.74
C PHE A 345 0.09 11.38 -6.95
N VAL A 346 0.84 11.69 -5.89
CA VAL A 346 1.92 12.67 -5.96
C VAL A 346 3.21 11.96 -5.57
N ASN A 347 4.19 11.97 -6.48
CA ASN A 347 5.41 11.20 -6.28
C ASN A 347 6.38 12.00 -5.41
N SER A 348 6.54 11.54 -4.17
CA SER A 348 7.48 12.12 -3.22
C SER A 348 7.57 11.19 -2.03
N THR A 349 8.75 11.11 -1.42
CA THR A 349 8.85 10.44 -0.14
C THR A 349 8.06 11.23 0.88
N TYR A 350 7.45 10.51 1.84
CA TYR A 350 6.62 11.18 2.83
C TYR A 350 7.43 12.19 3.64
N TYR A 351 8.62 11.77 4.08
CA TYR A 351 9.52 12.68 4.80
C TYR A 351 9.75 13.96 4.01
N SER A 352 9.96 13.84 2.70
CA SER A 352 10.11 15.03 1.87
C SER A 352 8.81 15.79 1.75
N ALA A 353 7.68 15.07 1.71
CA ALA A 353 6.39 15.75 1.61
C ALA A 353 6.13 16.64 2.82
N LEU A 354 6.71 16.30 3.97
CA LEU A 354 6.59 17.15 5.14
C LEU A 354 7.67 18.22 5.23
N GLY A 355 8.44 18.43 4.17
CA GLY A 355 9.57 19.33 4.25
C GLY A 355 10.67 18.84 5.15
N CYS A 356 10.75 17.52 5.38
CA CYS A 356 11.79 16.91 6.21
C CYS A 356 11.73 17.40 7.66
N ASN A 357 10.54 17.77 8.12
CA ASN A 357 10.34 18.17 9.52
C ASN A 357 10.28 16.91 10.37
N ASP A 358 11.29 16.74 11.23
CA ASP A 358 11.37 15.51 12.03
C ASP A 358 10.19 15.39 12.99
N GLN A 359 9.87 16.49 13.69
CA GLN A 359 8.77 16.46 14.66
C GLN A 359 7.46 16.07 13.98
N HIS A 360 7.15 16.71 12.85
CA HIS A 360 5.92 16.38 12.13
C HIS A 360 5.90 14.91 11.72
N TYR A 361 7.00 14.40 11.19
CA TYR A 361 7.05 13.02 10.72
C TYR A 361 6.79 12.05 11.87
N ILE A 362 7.53 12.20 12.97
CA ILE A 362 7.34 11.28 14.09
C ILE A 362 5.93 11.38 14.63
N ALA A 363 5.35 12.58 14.63
CA ALA A 363 3.94 12.72 15.02
C ALA A 363 3.03 11.90 14.11
N ALA A 364 3.23 12.03 12.79
CA ALA A 364 2.42 11.27 11.85
C ALA A 364 2.52 9.78 12.14
N ARG A 365 3.74 9.27 12.30
CA ARG A 365 3.90 7.85 12.61
C ARG A 365 3.18 7.47 13.89
N ALA A 366 3.27 8.31 14.93
CA ALA A 366 2.58 8.03 16.17
C ALA A 366 1.07 7.88 15.94
N VAL A 367 0.48 8.83 15.21
CA VAL A 367 -0.95 8.76 14.92
C VAL A 367 -1.26 7.46 14.18
N GLN A 368 -0.48 7.15 13.14
CA GLN A 368 -0.67 5.91 12.40
C GLN A 368 -0.71 4.71 13.34
N PHE A 369 0.23 4.67 14.30
CA PHE A 369 0.32 3.51 15.18
C PHE A 369 -0.81 3.48 16.20
N PHE A 370 -1.39 4.63 16.53
CA PHE A 370 -2.45 4.67 17.53
C PHE A 370 -3.84 4.44 16.95
N LEU A 371 -3.98 4.40 15.63
CA LEU A 371 -5.30 4.09 15.08
C LEU A 371 -5.46 2.58 14.92
N PRO A 372 -6.67 2.05 15.08
CA PRO A 372 -6.87 0.60 14.92
C PRO A 372 -6.38 0.12 13.57
N GLY A 373 -5.68 -1.01 13.59
CA GLY A 373 -5.14 -1.60 12.38
C GLY A 373 -3.68 -1.99 12.51
N VAL A 374 -3.21 -2.84 11.62
CA VAL A 374 -1.81 -3.27 11.63
C VAL A 374 -0.96 -2.22 10.94
N PRO A 375 0.08 -1.67 11.56
CA PRO A 375 0.90 -0.66 10.88
C PRO A 375 1.97 -1.28 10.00
N GLN A 376 2.17 -0.67 8.83
CA GLN A 376 3.29 -0.98 7.96
C GLN A 376 4.13 0.27 7.77
N VAL A 377 5.45 0.09 7.71
CA VAL A 377 6.39 1.17 7.44
C VAL A 377 7.17 0.81 6.18
N TYR A 378 7.07 1.67 5.17
CA TYR A 378 7.85 1.51 3.96
C TYR A 378 9.33 1.78 4.25
N TYR A 379 10.21 1.01 3.62
CA TYR A 379 11.62 1.03 4.01
C TYR A 379 12.23 2.42 3.89
N VAL A 380 11.93 3.12 2.79
CA VAL A 380 12.40 4.50 2.64
C VAL A 380 11.99 5.32 3.85
N GLY A 381 10.73 5.19 4.27
CA GLY A 381 10.27 5.87 5.47
C GLY A 381 10.94 5.34 6.72
N ALA A 382 11.27 4.05 6.76
CA ALA A 382 12.00 3.51 7.89
C ALA A 382 13.38 4.14 8.03
N LEU A 383 13.93 4.70 6.94
CA LEU A 383 15.20 5.40 7.00
C LEU A 383 15.05 6.90 6.76
N ALA A 384 13.85 7.45 6.94
CA ALA A 384 13.57 8.88 6.75
C ALA A 384 14.29 9.41 5.52
N GLY A 385 14.04 8.75 4.39
CA GLY A 385 14.74 9.06 3.16
C GLY A 385 14.16 10.27 2.44
N LYS A 386 15.06 11.02 1.80
CA LYS A 386 14.67 12.14 0.96
C LYS A 386 14.46 11.67 -0.47
N ASN A 387 13.87 12.55 -1.27
CA ASN A 387 13.66 12.27 -2.69
C ASN A 387 14.98 11.92 -3.36
N ASP A 388 14.98 10.85 -4.15
CA ASP A 388 16.16 10.40 -4.87
C ASP A 388 16.09 10.94 -6.29
N MET A 389 16.64 12.13 -6.49
CA MET A 389 16.59 12.77 -7.80
C MET A 389 17.57 12.12 -8.79
N GLU A 390 18.67 11.57 -8.31
CA GLU A 390 19.61 10.89 -9.20
C GLU A 390 18.93 9.76 -9.94
N LEU A 391 18.28 8.86 -9.19
CA LEU A 391 17.62 7.73 -9.82
C LEU A 391 16.48 8.18 -10.73
N LEU A 392 15.74 9.21 -10.30
CA LEU A 392 14.68 9.76 -11.14
C LEU A 392 15.24 10.22 -12.49
N ARG A 393 16.32 10.98 -12.47
CA ARG A 393 16.94 11.44 -13.71
C ARG A 393 17.53 10.28 -14.50
N LYS A 394 17.91 9.20 -13.83
CA LYS A 394 18.45 8.04 -14.53
C LYS A 394 17.37 7.29 -15.28
N THR A 395 16.23 7.05 -14.63
CA THR A 395 15.19 6.19 -15.16
C THR A 395 14.02 6.95 -15.76
N ASN A 396 13.83 8.22 -15.38
CA ASN A 396 12.67 9.01 -15.78
C ASN A 396 11.36 8.40 -15.31
N ASN A 397 11.42 7.45 -14.38
CA ASN A 397 10.24 6.85 -13.79
C ASN A 397 9.90 7.64 -12.52
N GLY A 398 8.77 8.34 -12.54
CA GLY A 398 8.43 9.21 -11.42
C GLY A 398 8.54 8.52 -10.08
N ARG A 399 7.92 7.34 -9.95
CA ARG A 399 7.86 6.67 -8.66
C ARG A 399 9.24 6.37 -8.09
N ASP A 400 10.28 6.29 -8.94
CA ASP A 400 11.62 6.03 -8.44
C ASP A 400 12.14 7.12 -7.51
N ILE A 401 11.48 8.30 -7.48
CA ILE A 401 11.87 9.30 -6.50
C ILE A 401 11.73 8.76 -5.09
N ASN A 402 10.90 7.74 -4.90
CA ASN A 402 10.59 7.16 -3.59
C ASN A 402 11.02 5.70 -3.51
N ARG A 403 12.01 5.30 -4.32
CA ARG A 403 12.46 3.92 -4.35
C ARG A 403 13.99 3.87 -4.36
N HIS A 404 14.61 4.64 -3.49
CA HIS A 404 16.07 4.68 -3.40
C HIS A 404 16.64 3.29 -3.11
N TYR A 405 17.80 3.00 -3.69
CA TYR A 405 18.53 1.78 -3.40
C TYR A 405 19.45 2.03 -2.21
N TYR A 406 19.17 1.38 -1.08
CA TYR A 406 19.94 1.55 0.14
C TYR A 406 20.94 0.40 0.25
N SER A 407 22.23 0.72 0.14
CA SER A 407 23.26 -0.25 0.49
C SER A 407 23.32 -0.42 2.01
N THR A 408 23.95 -1.52 2.44
CA THR A 408 24.11 -1.75 3.87
C THR A 408 24.79 -0.56 4.54
N ALA A 409 25.85 -0.05 3.92
CA ALA A 409 26.55 1.11 4.47
C ALA A 409 25.59 2.28 4.68
N GLU A 410 24.82 2.61 3.64
CA GLU A 410 23.87 3.72 3.76
C GLU A 410 22.87 3.47 4.87
N ILE A 411 22.38 2.23 5.00
CA ILE A 411 21.47 1.89 6.10
C ILE A 411 22.12 2.24 7.43
N ASP A 412 23.35 1.75 7.65
CA ASP A 412 24.00 1.97 8.94
C ASP A 412 24.26 3.45 9.20
N GLU A 413 24.56 4.24 8.15
CA GLU A 413 24.76 5.67 8.37
C GLU A 413 23.46 6.35 8.75
N ASN A 414 22.36 6.02 8.05
CA ASN A 414 21.08 6.64 8.39
C ASN A 414 20.56 6.21 9.74
N LEU A 415 20.96 5.03 10.22
CA LEU A 415 20.51 4.57 11.53
C LEU A 415 21.07 5.41 12.68
N LYS A 416 22.02 6.29 12.42
CA LYS A 416 22.57 7.17 13.46
C LYS A 416 21.73 8.41 13.68
N ARG A 417 20.77 8.69 12.80
CA ARG A 417 20.01 9.94 12.89
C ARG A 417 18.99 9.87 14.02
N PRO A 418 18.79 10.96 14.76
CA PRO A 418 17.83 10.91 15.88
C PRO A 418 16.41 10.57 15.46
N VAL A 419 15.94 11.08 14.33
CA VAL A 419 14.56 10.81 13.92
C VAL A 419 14.37 9.33 13.62
N VAL A 420 15.35 8.71 12.97
CA VAL A 420 15.26 7.28 12.69
C VAL A 420 15.22 6.47 13.99
N LYS A 421 16.11 6.79 14.92
CA LYS A 421 16.11 6.10 16.21
C LYS A 421 14.80 6.33 16.95
N ALA A 422 14.21 7.51 16.79
CA ALA A 422 12.92 7.80 17.41
C ALA A 422 11.83 6.92 16.81
N LEU A 423 11.87 6.72 15.49
CA LEU A 423 10.89 5.84 14.86
C LEU A 423 11.08 4.40 15.30
N ASN A 424 12.33 3.94 15.40
CA ASN A 424 12.57 2.58 15.86
C ASN A 424 12.05 2.39 17.28
N ALA A 425 12.37 3.33 18.18
CA ALA A 425 11.89 3.23 19.55
C ALA A 425 10.36 3.28 19.59
N LEU A 426 9.75 4.09 18.72
CA LEU A 426 8.30 4.20 18.70
C LEU A 426 7.66 2.90 18.23
N ALA A 427 8.23 2.26 17.21
CA ALA A 427 7.70 0.99 16.74
C ALA A 427 7.90 -0.10 17.78
N LYS A 428 9.01 -0.06 18.52
CA LYS A 428 9.17 -0.98 19.64
C LYS A 428 8.08 -0.77 20.68
N PHE A 429 7.83 0.49 21.04
CA PHE A 429 6.75 0.81 21.97
C PHE A 429 5.42 0.28 21.47
N ARG A 430 5.15 0.41 20.17
CA ARG A 430 3.89 -0.05 19.59
C ARG A 430 3.83 -1.58 19.53
N ASN A 431 4.98 -2.25 19.49
CA ASN A 431 5.03 -3.70 19.39
C ASN A 431 5.04 -4.40 20.73
N GLU A 432 5.46 -3.70 21.80
CA GLU A 432 5.70 -4.33 23.08
C GLU A 432 4.62 -4.03 24.11
N LEU A 433 4.00 -2.85 24.07
CA LEU A 433 2.96 -2.50 25.03
C LEU A 433 1.66 -3.21 24.66
N ASP A 434 1.10 -3.95 25.62
CA ASP A 434 -0.10 -4.73 25.35
C ASP A 434 -1.36 -3.88 25.29
N ALA A 435 -1.28 -2.60 25.66
CA ALA A 435 -2.45 -1.73 25.57
C ALA A 435 -3.07 -1.77 24.19
N PHE A 436 -2.24 -1.85 23.15
CA PHE A 436 -2.74 -1.83 21.78
C PHE A 436 -3.51 -3.09 21.41
N ASP A 437 -3.42 -4.15 22.21
CA ASP A 437 -4.23 -5.34 22.02
C ASP A 437 -5.56 -5.25 22.77
N GLY A 438 -5.87 -4.09 23.35
CA GLY A 438 -7.07 -3.94 24.15
C GLY A 438 -8.13 -3.13 23.43
N THR A 439 -8.63 -2.06 24.07
CA THR A 439 -9.73 -1.27 23.53
C THR A 439 -9.27 0.13 23.17
N PHE A 440 -9.83 0.66 22.07
CA PHE A 440 -9.51 1.97 21.53
C PHE A 440 -10.63 2.96 21.81
N SER A 441 -10.24 4.20 22.06
CA SER A 441 -11.17 5.31 22.22
C SER A 441 -10.44 6.58 21.81
N TYR A 442 -11.20 7.67 21.67
CA TYR A 442 -10.59 8.95 21.33
C TYR A 442 -11.50 10.09 21.78
N THR A 443 -10.87 11.24 22.02
CA THR A 443 -11.57 12.47 22.36
C THR A 443 -11.07 13.57 21.43
N THR A 444 -11.91 14.59 21.23
CA THR A 444 -11.57 15.71 20.37
C THR A 444 -11.99 17.01 21.05
N ASP A 445 -11.31 18.11 20.73
CA ASP A 445 -11.73 19.37 21.33
C ASP A 445 -12.68 20.16 20.43
N ASP A 446 -12.18 20.84 19.41
CA ASP A 446 -13.03 21.24 18.30
C ASP A 446 -12.26 21.25 16.97
N ASP A 447 -11.09 21.91 16.99
CA ASP A 447 -10.20 21.95 15.84
C ASP A 447 -8.73 21.99 16.23
N THR A 448 -8.40 21.92 17.51
CA THR A 448 -7.04 22.14 18.01
C THR A 448 -6.36 20.87 18.49
N SER A 449 -7.09 19.96 19.13
CA SER A 449 -6.49 18.82 19.80
C SER A 449 -7.33 17.58 19.57
N ILE A 450 -6.67 16.43 19.46
CA ILE A 450 -7.35 15.13 19.46
C ILE A 450 -6.48 14.12 20.20
N SER A 451 -7.10 13.29 21.04
CA SER A 451 -6.38 12.37 21.90
C SER A 451 -6.86 10.95 21.65
N PHE A 452 -5.94 10.08 21.23
CA PHE A 452 -6.22 8.67 21.03
C PHE A 452 -5.75 7.88 22.24
N THR A 453 -6.64 7.06 22.80
CA THR A 453 -6.33 6.29 24.00
C THR A 453 -6.56 4.81 23.73
N TRP A 454 -5.57 4.00 24.08
CA TRP A 454 -5.70 2.55 24.16
C TRP A 454 -5.58 2.14 25.62
N ARG A 455 -6.52 1.32 26.10
CA ARG A 455 -6.42 0.75 27.44
C ARG A 455 -6.41 -0.77 27.35
N GLY A 456 -5.48 -1.38 28.09
CA GLY A 456 -5.31 -2.82 28.04
C GLY A 456 -5.31 -3.45 29.41
N GLU A 457 -4.95 -4.73 29.49
CA GLU A 457 -5.02 -5.44 30.76
C GLU A 457 -3.96 -4.95 31.74
N THR A 458 -2.75 -4.66 31.25
CA THR A 458 -1.63 -4.31 32.12
C THR A 458 -0.94 -3.02 31.71
N SER A 459 -1.60 -2.20 30.88
CA SER A 459 -0.97 -0.98 30.41
C SER A 459 -2.03 -0.07 29.82
N GLN A 460 -1.68 1.21 29.67
CA GLN A 460 -2.57 2.15 29.00
C GLN A 460 -1.72 3.23 28.35
N ALA A 461 -2.26 3.87 27.30
CA ALA A 461 -1.53 4.91 26.62
C ALA A 461 -2.49 5.90 25.98
N THR A 462 -2.13 7.18 26.05
CA THR A 462 -2.88 8.25 25.41
C THR A 462 -1.89 9.13 24.64
N LEU A 463 -2.15 9.30 23.35
CA LEU A 463 -1.39 10.17 22.46
C LEU A 463 -2.24 11.39 22.14
N THR A 464 -1.75 12.57 22.49
CA THR A 464 -2.43 13.81 22.18
C THR A 464 -1.74 14.50 21.02
N PHE A 465 -2.53 14.84 20.00
CA PHE A 465 -2.06 15.41 18.75
C PHE A 465 -2.59 16.84 18.62
N GLU A 466 -1.67 17.79 18.46
CA GLU A 466 -1.99 19.22 18.42
C GLU A 466 -1.06 19.87 17.40
N PRO A 467 -1.29 19.64 16.11
CA PRO A 467 -0.43 20.28 15.09
C PRO A 467 -0.44 21.80 15.15
N LYS A 468 -1.48 22.40 15.74
CA LYS A 468 -1.54 23.86 15.86
C LYS A 468 -0.32 24.43 16.57
N ARG A 469 0.35 23.62 17.40
CA ARG A 469 1.45 24.13 18.22
C ARG A 469 2.73 24.38 17.43
N GLY A 470 2.92 23.68 16.31
CA GLY A 470 4.22 23.66 15.64
C GLY A 470 4.21 23.94 14.15
N LEU A 471 3.40 24.88 13.71
CA LEU A 471 3.28 25.16 12.27
C LEU A 471 4.63 25.58 11.69
N GLY A 472 4.89 25.13 10.46
CA GLY A 472 6.09 25.49 9.74
C GLY A 472 6.98 24.32 9.41
N VAL A 473 7.50 24.28 8.18
CA VAL A 473 8.37 23.19 7.75
C VAL A 473 9.66 23.17 8.57
N ASP A 474 10.10 24.34 9.04
CA ASP A 474 11.29 24.43 9.88
C ASP A 474 10.97 24.36 11.36
N ASN A 475 9.70 24.17 11.73
CA ASN A 475 9.32 24.18 13.13
C ASN A 475 9.87 22.96 13.84
N THR A 476 10.40 23.18 15.05
CA THR A 476 10.93 22.12 15.88
C THR A 476 10.10 21.88 17.13
N THR A 477 8.99 22.60 17.29
CA THR A 477 8.13 22.42 18.44
C THR A 477 7.42 21.07 18.34
N PRO A 478 7.47 20.22 19.38
CA PRO A 478 6.71 18.97 19.33
C PRO A 478 5.23 19.23 19.17
N VAL A 479 4.57 18.40 18.35
CA VAL A 479 3.14 18.49 18.12
C VAL A 479 2.42 17.23 18.58
N ALA A 480 3.11 16.33 19.27
CA ALA A 480 2.49 15.14 19.83
C ALA A 480 3.06 14.90 21.23
N MET A 481 2.19 14.70 22.20
CA MET A 481 2.59 14.36 23.55
C MET A 481 2.04 12.98 23.91
N LEU A 482 2.81 12.22 24.68
CA LEU A 482 2.49 10.83 24.96
C LEU A 482 2.52 10.59 26.45
N GLU A 483 1.44 10.03 26.99
CA GLU A 483 1.43 9.53 28.36
C GLU A 483 1.08 8.05 28.33
N TRP A 484 1.69 7.26 29.21
CA TRP A 484 1.36 5.84 29.25
C TRP A 484 1.72 5.28 30.61
N GLU A 485 1.13 4.12 30.92
CA GLU A 485 1.27 3.47 32.21
C GLU A 485 1.62 2.01 31.99
N ASP A 486 2.70 1.57 32.62
CA ASP A 486 3.22 0.21 32.48
C ASP A 486 3.70 -0.28 33.84
N SER A 487 4.50 -1.35 33.85
CA SER A 487 4.99 -1.94 35.08
C SER A 487 5.58 -0.91 36.04
N ALA A 488 6.16 0.18 35.50
CA ALA A 488 6.88 1.15 36.30
C ALA A 488 6.04 2.36 36.68
N GLY A 489 4.73 2.30 36.46
CA GLY A 489 3.85 3.40 36.82
C GLY A 489 3.45 4.26 35.65
N ASP A 490 3.19 5.55 35.92
CA ASP A 490 2.83 6.52 34.90
C ASP A 490 4.08 7.21 34.36
N HIS A 491 4.07 7.48 33.07
CA HIS A 491 5.20 8.10 32.38
C HIS A 491 4.67 9.03 31.31
N ARG A 492 5.53 9.97 30.92
CA ARG A 492 5.16 11.01 29.96
C ARG A 492 6.38 11.41 29.15
N SER A 493 6.19 11.56 27.85
CA SER A 493 7.19 12.12 26.95
C SER A 493 6.52 13.24 26.16
N ASP A 494 7.14 14.43 26.18
CA ASP A 494 6.65 15.57 25.43
C ASP A 494 7.47 15.82 24.16
N ASP A 495 8.40 14.92 23.83
CA ASP A 495 9.22 15.06 22.63
C ASP A 495 9.65 13.65 22.22
N LEU A 496 9.01 13.10 21.19
CA LEU A 496 9.24 11.73 20.79
C LEU A 496 10.56 11.54 20.05
N ILE A 497 11.24 12.61 19.67
CA ILE A 497 12.58 12.50 19.10
C ILE A 497 13.64 12.54 20.19
N ALA A 498 13.60 13.58 21.03
CA ALA A 498 14.60 13.73 22.07
C ALA A 498 14.41 12.72 23.19
N ASN A 499 13.17 12.27 23.42
CA ASN A 499 12.83 11.44 24.57
C ASN A 499 11.89 10.32 24.13
N PRO A 500 12.39 9.38 23.32
CA PRO A 500 11.53 8.32 22.82
C PRO A 500 11.03 7.44 23.94
N PRO A 501 9.81 6.90 23.83
CA PRO A 501 9.26 6.10 24.93
C PRO A 501 9.89 4.72 25.02
N VAL A 502 10.04 4.25 26.26
CA VAL A 502 10.57 2.92 26.55
C VAL A 502 9.67 2.28 27.59
N VAL A 503 9.19 1.09 27.30
CA VAL A 503 8.30 0.36 28.21
C VAL A 503 9.13 -0.44 29.19
N ALA A 504 8.67 -0.51 30.42
CA ALA A 504 9.37 -1.24 31.48
C ALA A 504 9.38 -2.73 31.19
C1 7KP B . -0.86 -1.76 -8.08
C2 7KP B . 0.55 -1.72 -7.52
C3 7KP B . 1.37 -0.84 -8.43
C4 7KP B . 1.34 -1.43 -9.82
C5 7KP B . -0.11 -1.55 -10.29
C6 7KP B . -0.14 -2.18 -11.69
CAG 7KP B . -2.69 -0.37 -8.34
CAH 7KP B . -3.45 -1.51 -8.09
CAI 7KP B . -4.82 -1.46 -8.22
CAJ 7KP B . -5.43 -0.29 -8.61
CAK 7KP B . -4.68 0.85 -8.87
CAL 7KP B . -3.30 0.81 -8.73
CAM 7KP B . -5.37 1.98 -9.25
CAN 7KP B . -4.77 2.94 -10.28
CAO 7KP B . -5.55 4.91 -11.52
CAP 7KP B . -6.52 5.90 -11.64
CAQ 7KP B . -7.59 5.97 -10.75
CAR 7KP B . -7.71 5.04 -9.72
CAS 7KP B . -6.75 4.06 -9.60
CAT 7KP B . -5.67 3.98 -10.49
O1 7KP B . -1.34 -0.41 -8.21
O2 7KP B . 0.52 -1.19 -6.20
O3 7KP B . 2.72 -0.75 -7.96
O4 7KP B . 2.06 -0.57 -10.71
O5 7KP B . -0.86 -2.37 -9.38
O6 7KP B . 0.46 -3.48 -11.68
OBA 7KP B . -5.58 -2.55 -7.96
OBB 7KP B . -8.53 6.94 -10.86
#